data_5ERT
#
_entry.id   5ERT
#
_cell.length_a   87.440
_cell.length_b   99.090
_cell.length_c   111.895
_cell.angle_alpha   90.00
_cell.angle_beta   90.00
_cell.angle_gamma   90.00
#
_symmetry.space_group_name_H-M   'I 2 2 2'
#
loop_
_entity.id
_entity.type
_entity.pdbx_description
1 polymer Gephyrin
2 non-polymer "ADENOSINE-5'-DIPHOSPHATE"
3 non-polymer 'MANGANESE (II) ION'
4 non-polymer 'PHOSPHATE ION'
5 non-polymer 'ACETATE ION'
6 non-polymer (4S)-2-METHYL-2,4-PENTANEDIOL
7 water water
#
_entity_poly.entity_id   1
_entity_poly.type   'polypeptide(L)'
_entity_poly.pdbx_seq_one_letter_code
;MSPFPLTSMDKAFITVLEMTPVLGTEIINYRDGMGRVLAQDVYAKDNLPPFPASVKDGYAVRAADGPGDRFIIGESQAGE
QPTQTVMPGQVMRVTTGAPIPCGADAVVQVEDTELIRESDDGTEELEVRILVQARPGQDIRPIGHDIKRGECVLAKGTHM
GPSEIGLLATVGVTEVEVNKFPVVAVMSTGNELLNPEDDLLPGKIRDSNRSTLLATIQEHGYPTINLGIVGDNPDDLLNA
LNEGISRADVIITSGGVSMGEKDYLKQVLDIDLHAQIHFGRVFMKPGLPTTFATLDIDGVRKIIFALPGNPVSAVVTCNL
FVVPALRKMQGILDPRPTIIKARLSCDVKLDPRPEYHRCILTWHHQEPLPWAQSTGNQMSSRLMSMRSANGLLMLPPKTE
QYVELHKGEVVDVMVIGRL
;
_entity_poly.pdbx_strand_id   A
#
loop_
_chem_comp.id
_chem_comp.type
_chem_comp.name
_chem_comp.formula
ACT non-polymer 'ACETATE ION' 'C2 H3 O2 -1'
ADP non-polymer ADENOSINE-5'-DIPHOSPHATE 'C10 H15 N5 O10 P2'
MN non-polymer 'MANGANESE (II) ION' 'Mn 2'
MPD non-polymer (4S)-2-METHYL-2,4-PENTANEDIOL 'C6 H14 O2'
PO4 non-polymer 'PHOSPHATE ION' 'O4 P -3'
#
# COMPACT_ATOMS: atom_id res chain seq x y z
N SER A 2 1.21 -32.45 -21.52
CA SER A 2 0.25 -33.31 -20.83
C SER A 2 -0.99 -33.52 -21.69
N PRO A 3 -1.68 -32.44 -22.08
CA PRO A 3 -1.53 -31.05 -21.63
C PRO A 3 -2.39 -30.79 -20.40
N PHE A 4 -1.96 -29.85 -19.56
CA PHE A 4 -2.56 -29.63 -18.25
C PHE A 4 -4.05 -29.28 -18.39
N PRO A 5 -4.85 -29.65 -17.39
CA PRO A 5 -6.29 -29.35 -17.44
C PRO A 5 -6.57 -27.85 -17.40
N LEU A 6 -7.60 -27.41 -18.11
CA LEU A 6 -8.01 -26.01 -18.10
C LEU A 6 -8.58 -25.62 -16.76
N THR A 7 -7.85 -24.78 -16.03
CA THR A 7 -8.26 -24.37 -14.70
C THR A 7 -9.08 -23.09 -14.76
N SER A 8 -10.22 -23.10 -14.08
CA SER A 8 -11.05 -21.90 -14.01
C SER A 8 -10.29 -20.80 -13.33
N MET A 9 -10.61 -19.56 -13.68
CA MET A 9 -9.94 -18.41 -13.12
C MET A 9 -10.05 -18.37 -11.58
N ASP A 10 -11.25 -18.62 -11.06
CA ASP A 10 -11.48 -18.61 -9.61
C ASP A 10 -10.60 -19.64 -8.91
N LYS A 11 -10.58 -20.85 -9.45
CA LYS A 11 -9.80 -21.93 -8.87
C LYS A 11 -8.31 -21.59 -8.94
N ALA A 12 -7.88 -21.04 -10.06
CA ALA A 12 -6.48 -20.64 -10.22
C ALA A 12 -6.10 -19.61 -9.16
N PHE A 13 -6.92 -18.56 -9.05
CA PHE A 13 -6.66 -17.49 -8.09
C PHE A 13 -6.63 -18.00 -6.65
N ILE A 14 -7.66 -18.74 -6.26
CA ILE A 14 -7.70 -19.24 -4.89
CA ILE A 14 -7.75 -19.31 -4.91
C ILE A 14 -6.56 -20.24 -4.66
N THR A 15 -6.19 -20.98 -5.70
CA THR A 15 -5.04 -21.88 -5.58
C THR A 15 -3.78 -21.08 -5.27
N VAL A 16 -3.55 -20.04 -6.07
CA VAL A 16 -2.39 -19.18 -5.82
C VAL A 16 -2.41 -18.68 -4.37
N LEU A 17 -3.51 -18.11 -3.93
CA LEU A 17 -3.54 -17.58 -2.56
C LEU A 17 -3.40 -18.66 -1.49
N GLU A 18 -3.99 -19.84 -1.71
CA GLU A 18 -3.91 -20.91 -0.72
C GLU A 18 -2.51 -21.51 -0.63
N MET A 19 -1.82 -21.61 -1.76
CA MET A 19 -0.51 -22.25 -1.77
CA MET A 19 -0.51 -22.25 -1.77
C MET A 19 0.64 -21.29 -1.45
N THR A 20 0.36 -19.99 -1.46
CA THR A 20 1.40 -19.00 -1.20
C THR A 20 1.62 -18.79 0.31
N PRO A 21 2.89 -18.88 0.76
CA PRO A 21 3.15 -18.74 2.20
C PRO A 21 3.19 -17.29 2.67
N VAL A 22 3.16 -17.11 3.99
CA VAL A 22 3.39 -15.81 4.60
C VAL A 22 4.84 -15.79 5.07
N LEU A 23 5.59 -14.76 4.68
CA LEU A 23 7.00 -14.71 5.03
C LEU A 23 7.20 -14.48 6.53
N GLY A 24 8.39 -14.81 7.00
CA GLY A 24 8.75 -14.59 8.39
C GLY A 24 8.88 -13.11 8.71
N THR A 25 9.21 -12.82 9.96
CA THR A 25 9.21 -11.46 10.45
C THR A 25 10.63 -10.94 10.62
N GLU A 26 10.73 -9.63 10.77
CA GLU A 26 11.99 -8.98 11.06
C GLU A 26 11.72 -7.65 11.75
N ILE A 27 12.73 -7.14 12.42
CA ILE A 27 12.63 -5.84 13.09
C ILE A 27 13.15 -4.77 12.15
N ILE A 28 12.36 -3.71 11.97
CA ILE A 28 12.79 -2.59 11.16
C ILE A 28 12.67 -1.28 11.95
N ASN A 29 13.41 -0.27 11.49
CA ASN A 29 13.21 1.10 11.95
C ASN A 29 11.88 1.61 11.42
N TYR A 30 11.16 2.38 12.25
CA TYR A 30 9.81 2.82 11.89
C TYR A 30 9.79 3.65 10.59
N ARG A 31 10.85 4.42 10.34
CA ARG A 31 10.92 5.22 9.11
C ARG A 31 10.83 4.36 7.85
N ASP A 32 11.17 3.08 7.98
CA ASP A 32 11.14 2.17 6.84
C ASP A 32 9.83 1.37 6.81
N GLY A 33 8.82 1.85 7.53
CA GLY A 33 7.59 1.12 7.71
C GLY A 33 6.58 1.16 6.58
N MET A 34 6.77 2.04 5.61
CA MET A 34 5.80 2.22 4.52
C MET A 34 5.48 0.90 3.81
N GLY A 35 4.20 0.57 3.75
CA GLY A 35 3.73 -0.62 3.04
C GLY A 35 3.93 -1.91 3.82
N ARG A 36 4.54 -1.82 4.99
CA ARG A 36 4.80 -2.98 5.83
C ARG A 36 3.59 -3.35 6.66
N VAL A 37 3.51 -4.61 7.07
CA VAL A 37 2.46 -5.08 7.97
C VAL A 37 3.07 -5.40 9.34
N LEU A 38 2.52 -4.79 10.39
CA LEU A 38 2.96 -5.07 11.76
C LEU A 38 2.73 -6.53 12.12
N ALA A 39 3.72 -7.13 12.77
CA ALA A 39 3.61 -8.50 13.25
C ALA A 39 3.58 -8.49 14.78
N GLN A 40 3.42 -7.30 15.35
CA GLN A 40 3.28 -7.13 16.79
C GLN A 40 2.21 -6.08 17.08
N ASP A 41 1.63 -6.15 18.27
CA ASP A 41 0.86 -5.03 18.78
C ASP A 41 1.83 -3.97 19.28
N VAL A 42 1.45 -2.71 19.13
CA VAL A 42 2.29 -1.59 19.57
C VAL A 42 1.62 -0.84 20.70
N TYR A 43 2.36 -0.65 21.79
CA TYR A 43 1.84 -0.02 22.99
C TYR A 43 2.54 1.30 23.30
N ALA A 44 1.75 2.26 23.77
CA ALA A 44 2.28 3.53 24.23
C ALA A 44 2.85 3.35 25.64
N LYS A 45 4.01 3.95 25.88
CA LYS A 45 4.61 3.93 27.22
C LYS A 45 4.46 5.28 27.92
N ASP A 46 3.93 6.26 27.21
CA ASP A 46 3.65 7.59 27.78
C ASP A 46 2.22 8.03 27.50
N ASN A 47 1.73 8.96 28.30
CA ASN A 47 0.46 9.62 28.02
C ASN A 47 0.64 10.69 26.93
N LEU A 48 -0.41 10.90 26.13
CA LEU A 48 -0.46 12.02 25.21
C LEU A 48 -1.78 12.75 25.44
N PRO A 49 -1.71 14.03 25.85
CA PRO A 49 -0.49 14.75 26.25
C PRO A 49 0.03 14.18 27.56
N PRO A 50 1.33 14.35 27.85
CA PRO A 50 1.89 13.85 29.11
C PRO A 50 1.69 14.82 30.27
N PHE A 51 1.23 16.02 29.94
CA PHE A 51 0.91 17.06 30.89
C PHE A 51 -0.42 17.67 30.46
N PRO A 52 -1.16 18.28 31.39
CA PRO A 52 -2.35 18.99 30.93
C PRO A 52 -1.97 20.11 29.98
N ALA A 53 -2.53 20.11 28.78
CA ALA A 53 -2.06 20.98 27.70
C ALA A 53 -3.14 21.92 27.19
N SER A 54 -2.74 23.16 26.94
CA SER A 54 -3.66 24.15 26.40
C SER A 54 -4.01 23.84 24.95
N VAL A 55 -5.29 24.01 24.63
CA VAL A 55 -5.79 23.87 23.27
C VAL A 55 -5.67 25.19 22.51
N LYS A 56 -5.54 26.28 23.26
CA LYS A 56 -5.60 27.61 22.67
C LYS A 56 -4.42 28.51 23.06
N ASP A 57 -4.18 29.51 22.22
CA ASP A 57 -3.36 30.66 22.61
C ASP A 57 -4.26 31.58 23.43
N GLY A 58 -3.88 31.83 24.67
CA GLY A 58 -4.67 32.69 25.52
C GLY A 58 -4.18 32.72 26.96
N TYR A 59 -5.11 32.46 27.88
CA TYR A 59 -4.80 32.56 29.30
C TYR A 59 -5.37 31.42 30.11
N ALA A 60 -4.52 30.86 30.98
CA ALA A 60 -4.94 29.89 31.98
C ALA A 60 -5.52 30.63 33.18
N VAL A 61 -6.74 30.23 33.54
CA VAL A 61 -7.54 30.93 34.53
C VAL A 61 -8.22 29.98 35.50
N ARG A 62 -8.66 30.57 36.60
CA ARG A 62 -9.61 29.96 37.53
C ARG A 62 -11.02 30.27 37.08
N ALA A 63 -11.76 29.23 36.70
CA ALA A 63 -13.14 29.40 36.25
C ALA A 63 -13.99 30.04 37.34
N ALA A 64 -13.67 29.75 38.60
CA ALA A 64 -14.45 30.25 39.72
C ALA A 64 -14.32 31.77 39.88
N ASP A 65 -13.30 32.37 39.26
CA ASP A 65 -13.15 33.83 39.30
C ASP A 65 -14.16 34.50 38.37
N GLY A 66 -14.64 33.76 37.38
CA GLY A 66 -15.55 34.31 36.40
C GLY A 66 -14.88 35.40 35.58
N PRO A 67 -15.68 36.20 34.86
CA PRO A 67 -15.10 37.28 34.06
C PRO A 67 -14.56 38.40 34.94
N GLY A 68 -13.66 39.21 34.40
CA GLY A 68 -13.11 40.33 35.14
C GLY A 68 -11.66 40.65 34.82
N ASP A 69 -11.11 41.64 35.52
CA ASP A 69 -9.75 42.11 35.26
C ASP A 69 -8.75 41.35 36.12
N ARG A 70 -7.68 40.86 35.48
CA ARG A 70 -6.74 39.96 36.11
C ARG A 70 -5.29 40.38 35.89
N PHE A 71 -4.47 40.16 36.92
CA PHE A 71 -3.03 40.34 36.83
C PHE A 71 -2.39 39.11 36.18
N ILE A 72 -1.51 39.35 35.23
CA ILE A 72 -0.77 38.27 34.57
C ILE A 72 0.54 38.02 35.32
N ILE A 73 0.61 36.91 36.04
CA ILE A 73 1.77 36.64 36.89
C ILE A 73 2.93 36.05 36.11
N GLY A 74 2.69 35.61 34.88
CA GLY A 74 3.75 35.03 34.07
C GLY A 74 3.26 34.34 32.82
N GLU A 75 4.10 33.45 32.29
CA GLU A 75 3.85 32.77 31.03
C GLU A 75 4.19 31.29 31.09
N SER A 76 3.27 30.46 30.60
CA SER A 76 3.59 29.07 30.33
C SER A 76 3.87 28.91 28.85
N GLN A 77 5.13 28.69 28.52
CA GLN A 77 5.55 28.54 27.13
C GLN A 77 5.78 27.08 26.78
N ALA A 78 5.58 26.75 25.50
CA ALA A 78 5.73 25.39 25.02
C ALA A 78 7.12 24.86 25.31
N GLY A 79 7.19 23.65 25.85
CA GLY A 79 8.46 23.02 26.17
C GLY A 79 8.97 23.35 27.57
N GLU A 80 8.23 24.16 28.30
CA GLU A 80 8.63 24.55 29.66
C GLU A 80 7.58 24.15 30.69
N GLN A 81 8.02 23.43 31.72
CA GLN A 81 7.18 23.10 32.85
C GLN A 81 7.06 24.34 33.76
N PRO A 82 5.84 24.85 33.95
CA PRO A 82 5.71 26.07 34.77
C PRO A 82 5.92 25.78 36.26
N THR A 83 6.32 26.80 37.01
CA THR A 83 6.64 26.64 38.43
C THR A 83 5.64 27.35 39.33
N GLN A 84 5.03 28.41 38.81
CA GLN A 84 4.15 29.25 39.60
C GLN A 84 2.76 28.64 39.76
N THR A 85 2.06 29.06 40.81
CA THR A 85 0.66 28.67 41.03
C THR A 85 -0.24 29.87 40.84
N VAL A 86 -1.23 29.73 39.97
CA VAL A 86 -2.22 30.79 39.78
C VAL A 86 -3.17 30.83 40.98
N MET A 87 -3.32 32.03 41.56
CA MET A 87 -4.20 32.23 42.69
C MET A 87 -5.42 33.02 42.24
N PRO A 88 -6.44 33.16 43.12
CA PRO A 88 -7.60 33.97 42.73
C PRO A 88 -7.22 35.37 42.30
N GLY A 89 -7.83 35.84 41.21
CA GLY A 89 -7.56 37.17 40.70
C GLY A 89 -6.41 37.20 39.72
N GLN A 90 -5.78 36.04 39.51
CA GLN A 90 -4.61 35.93 38.65
C GLN A 90 -4.87 35.02 37.45
N VAL A 91 -4.06 35.20 36.41
CA VAL A 91 -4.07 34.32 35.26
C VAL A 91 -2.64 34.13 34.77
N MET A 92 -2.44 33.16 33.88
CA MET A 92 -1.14 33.00 33.22
C MET A 92 -1.34 32.91 31.72
N ARG A 93 -0.50 33.59 30.95
CA ARG A 93 -0.52 33.43 29.51
C ARG A 93 -0.15 32.00 29.13
N VAL A 94 -0.88 31.43 28.16
CA VAL A 94 -0.54 30.12 27.62
CA VAL A 94 -0.55 30.12 27.63
C VAL A 94 -0.57 30.17 26.11
N THR A 95 0.25 29.33 25.49
CA THR A 95 0.20 29.13 24.05
C THR A 95 -0.31 27.71 23.83
N THR A 96 -0.78 27.43 22.63
CA THR A 96 -1.26 26.11 22.29
C THR A 96 -0.20 25.05 22.61
N GLY A 97 -0.62 23.99 23.32
CA GLY A 97 0.28 22.90 23.62
C GLY A 97 1.18 23.12 24.83
N ALA A 98 1.07 24.27 25.47
CA ALA A 98 1.89 24.55 26.65
C ALA A 98 1.21 23.95 27.88
N PRO A 99 2.00 23.60 28.91
CA PRO A 99 1.39 22.99 30.09
C PRO A 99 0.52 23.97 30.88
N ILE A 100 -0.56 23.47 31.46
CA ILE A 100 -1.40 24.29 32.33
C ILE A 100 -0.76 24.39 33.72
N PRO A 101 -0.53 25.63 34.19
CA PRO A 101 0.10 25.78 35.52
C PRO A 101 -0.81 25.33 36.65
N CYS A 102 -0.23 24.99 37.79
CA CYS A 102 -1.01 24.62 38.96
CA CYS A 102 -1.01 24.62 38.97
C CYS A 102 -1.90 25.79 39.38
N GLY A 103 -3.10 25.48 39.85
CA GLY A 103 -4.05 26.50 40.29
C GLY A 103 -5.04 26.92 39.24
N ALA A 104 -4.68 26.74 37.97
CA ALA A 104 -5.59 27.06 36.87
C ALA A 104 -6.35 25.80 36.46
N ASP A 105 -7.61 25.97 36.09
CA ASP A 105 -8.46 24.85 35.70
C ASP A 105 -9.18 25.12 34.39
N ALA A 106 -8.96 26.29 33.80
CA ALA A 106 -9.50 26.54 32.47
C ALA A 106 -8.58 27.40 31.60
N VAL A 107 -8.81 27.37 30.30
CA VAL A 107 -8.14 28.29 29.39
C VAL A 107 -9.16 29.13 28.63
N VAL A 108 -8.92 30.43 28.61
CA VAL A 108 -9.71 31.36 27.82
C VAL A 108 -8.86 31.85 26.65
N GLN A 109 -9.37 31.69 25.44
CA GLN A 109 -8.65 32.08 24.24
C GLN A 109 -8.58 33.60 24.16
N VAL A 110 -7.52 34.10 23.52
CA VAL A 110 -7.21 35.52 23.55
C VAL A 110 -8.35 36.35 22.95
N GLU A 111 -9.10 35.75 22.03
CA GLU A 111 -10.23 36.45 21.41
C GLU A 111 -11.31 36.82 22.43
N ASP A 112 -11.38 36.05 23.51
CA ASP A 112 -12.38 36.27 24.57
C ASP A 112 -11.79 37.11 25.70
N THR A 113 -10.81 37.94 25.36
CA THR A 113 -10.14 38.79 26.33
C THR A 113 -9.83 40.14 25.70
N GLU A 114 -9.52 41.11 26.55
CA GLU A 114 -9.00 42.39 26.11
C GLU A 114 -7.80 42.75 26.97
N LEU A 115 -6.72 43.20 26.32
CA LEU A 115 -5.52 43.56 27.04
C LEU A 115 -5.71 44.90 27.72
N ILE A 116 -5.43 44.95 29.02
CA ILE A 116 -5.53 46.18 29.80
C ILE A 116 -4.20 46.90 29.85
N ARG A 117 -3.18 46.21 30.35
CA ARG A 117 -1.89 46.83 30.58
C ARG A 117 -0.71 45.94 30.18
N GLU A 118 0.29 46.57 29.58
CA GLU A 118 1.53 45.91 29.17
C GLU A 118 2.74 46.74 29.60
N SER A 119 3.94 46.18 29.38
CA SER A 119 5.17 46.89 29.70
C SER A 119 5.41 48.05 28.73
N ASP A 120 6.14 49.07 29.18
CA ASP A 120 6.50 50.21 28.33
C ASP A 120 7.19 49.75 27.04
N ASP A 121 7.81 48.57 27.11
CA ASP A 121 8.51 48.01 25.97
C ASP A 121 7.55 47.41 24.95
N GLY A 122 6.47 46.82 25.47
CA GLY A 122 5.56 46.02 24.65
C GLY A 122 5.92 44.55 24.69
N THR A 123 6.97 44.23 25.46
CA THR A 123 7.49 42.87 25.55
C THR A 123 6.61 41.94 26.39
N GLU A 124 5.89 42.52 27.35
CA GLU A 124 5.28 41.75 28.42
C GLU A 124 3.89 42.28 28.80
N GLU A 125 2.90 41.39 28.76
CA GLU A 125 1.55 41.72 29.19
C GLU A 125 1.44 41.68 30.72
N LEU A 126 0.81 42.70 31.28
CA LEU A 126 0.72 42.86 32.73
C LEU A 126 -0.69 42.60 33.24
N GLU A 127 -1.68 43.07 32.51
CA GLU A 127 -3.06 43.01 32.99
C GLU A 127 -4.05 42.78 31.85
N VAL A 128 -4.99 41.86 32.08
CA VAL A 128 -5.94 41.46 31.04
C VAL A 128 -7.38 41.30 31.56
N ARG A 129 -8.34 41.67 30.72
CA ARG A 129 -9.74 41.51 31.02
C ARG A 129 -10.28 40.22 30.41
N ILE A 130 -10.77 39.33 31.27
CA ILE A 130 -11.43 38.11 30.87
C ILE A 130 -12.91 38.40 30.66
N LEU A 131 -13.39 38.21 29.43
CA LEU A 131 -14.73 38.66 29.03
C LEU A 131 -15.79 37.57 29.15
N VAL A 132 -15.37 36.34 29.41
CA VAL A 132 -16.31 35.22 29.43
C VAL A 132 -16.25 34.45 30.74
N GLN A 133 -17.28 33.63 30.93
CA GLN A 133 -17.32 32.68 32.02
C GLN A 133 -16.86 31.33 31.49
N ALA A 134 -15.64 30.96 31.86
CA ALA A 134 -15.09 29.68 31.41
C ALA A 134 -15.75 28.54 32.18
N ARG A 135 -15.95 27.43 31.50
CA ARG A 135 -16.36 26.19 32.15
C ARG A 135 -15.10 25.50 32.64
N PRO A 136 -15.16 24.82 33.80
CA PRO A 136 -13.95 24.12 34.25
C PRO A 136 -13.46 23.11 33.23
N GLY A 137 -12.16 23.11 32.96
CA GLY A 137 -11.56 22.16 32.02
C GLY A 137 -11.61 22.66 30.59
N GLN A 138 -12.21 23.82 30.39
CA GLN A 138 -12.36 24.40 29.07
C GLN A 138 -11.02 24.58 28.37
N ASP A 139 -10.94 24.13 27.11
CA ASP A 139 -9.77 24.32 26.26
C ASP A 139 -8.49 23.76 26.87
N ILE A 140 -8.64 22.65 27.58
CA ILE A 140 -7.51 21.91 28.12
C ILE A 140 -7.60 20.45 27.68
N ARG A 141 -6.46 19.90 27.28
CA ARG A 141 -6.34 18.46 27.06
C ARG A 141 -5.73 17.85 28.31
N PRO A 142 -6.54 17.10 29.08
CA PRO A 142 -5.96 16.45 30.27
C PRO A 142 -4.91 15.41 29.91
N ILE A 143 -4.11 15.01 30.87
CA ILE A 143 -3.12 13.96 30.67
C ILE A 143 -3.81 12.72 30.12
N GLY A 144 -3.26 12.18 29.05
CA GLY A 144 -3.75 10.92 28.50
C GLY A 144 -5.02 11.04 27.68
N HIS A 145 -5.45 12.28 27.42
CA HIS A 145 -6.70 12.50 26.69
C HIS A 145 -6.69 11.84 25.31
N ASP A 146 -5.56 11.88 24.63
CA ASP A 146 -5.48 11.34 23.27
C ASP A 146 -4.98 9.91 23.27
N ILE A 147 -3.93 9.66 24.06
CA ILE A 147 -3.35 8.33 24.21
C ILE A 147 -2.99 8.12 25.68
N LYS A 148 -3.39 6.98 26.24
CA LYS A 148 -3.04 6.64 27.61
C LYS A 148 -1.88 5.68 27.65
N ARG A 149 -1.03 5.81 28.68
CA ARG A 149 0.04 4.87 28.92
C ARG A 149 -0.54 3.46 29.06
N GLY A 150 0.03 2.51 28.32
CA GLY A 150 -0.41 1.13 28.35
C GLY A 150 -1.41 0.80 27.28
N GLU A 151 -1.88 1.82 26.57
CA GLU A 151 -2.86 1.64 25.50
C GLU A 151 -2.21 1.03 24.25
N CYS A 152 -2.90 0.07 23.64
CA CYS A 152 -2.47 -0.44 22.34
C CYS A 152 -2.93 0.51 21.23
N VAL A 153 -1.97 1.15 20.57
CA VAL A 153 -2.29 2.16 19.57
C VAL A 153 -2.26 1.61 18.14
N LEU A 154 -1.57 0.50 17.94
CA LEU A 154 -1.59 -0.19 16.66
C LEU A 154 -1.61 -1.71 16.88
N ALA A 155 -2.53 -2.37 16.20
CA ALA A 155 -2.68 -3.82 16.31
C ALA A 155 -1.85 -4.54 15.25
N LYS A 156 -1.38 -5.74 15.58
CA LYS A 156 -0.72 -6.58 14.59
C LYS A 156 -1.69 -6.82 13.44
N GLY A 157 -1.16 -6.90 12.22
CA GLY A 157 -1.98 -7.05 11.03
C GLY A 157 -2.22 -5.72 10.32
N THR A 158 -1.84 -4.63 10.97
CA THR A 158 -2.04 -3.29 10.40
C THR A 158 -1.08 -3.04 9.23
N HIS A 159 -1.66 -2.70 8.09
CA HIS A 159 -0.92 -2.31 6.90
C HIS A 159 -0.59 -0.81 6.99
N MET A 160 0.69 -0.48 7.14
CA MET A 160 1.09 0.87 7.54
C MET A 160 1.30 1.86 6.38
N GLY A 161 0.83 3.08 6.62
CA GLY A 161 1.07 4.22 5.77
C GLY A 161 1.62 5.35 6.63
N PRO A 162 1.75 6.56 6.06
CA PRO A 162 2.36 7.71 6.75
C PRO A 162 1.81 7.98 8.16
N SER A 163 0.49 7.93 8.32
CA SER A 163 -0.12 8.24 9.61
C SER A 163 0.28 7.24 10.71
N GLU A 164 0.40 5.97 10.33
CA GLU A 164 0.86 4.95 11.27
C GLU A 164 2.32 5.22 11.68
N ILE A 165 3.15 5.59 10.70
CA ILE A 165 4.54 5.93 10.98
CA ILE A 165 4.54 5.93 10.98
C ILE A 165 4.59 7.12 11.93
N GLY A 166 3.71 8.09 11.70
CA GLY A 166 3.61 9.22 12.60
C GLY A 166 3.17 8.83 14.00
N LEU A 167 2.23 7.91 14.10
CA LEU A 167 1.81 7.40 15.40
C LEU A 167 2.96 6.69 16.14
N LEU A 168 3.69 5.85 15.42
CA LEU A 168 4.90 5.24 15.98
C LEU A 168 5.84 6.32 16.50
N ALA A 169 6.11 7.33 15.67
CA ALA A 169 6.93 8.45 16.12
C ALA A 169 6.37 9.06 17.41
N THR A 170 5.08 9.33 17.42
CA THR A 170 4.41 9.91 18.58
C THR A 170 4.65 9.11 19.87
N VAL A 171 4.44 7.79 19.82
CA VAL A 171 4.62 6.99 21.04
C VAL A 171 6.05 6.51 21.26
N GLY A 172 6.98 6.91 20.40
CA GLY A 172 8.38 6.64 20.64
C GLY A 172 8.79 5.20 20.41
N VAL A 173 7.98 4.47 19.66
CA VAL A 173 8.31 3.10 19.30
C VAL A 173 8.98 3.11 17.92
N THR A 174 10.30 3.20 17.94
CA THR A 174 11.08 3.43 16.74
C THR A 174 11.59 2.15 16.07
N GLU A 175 11.39 1.01 16.74
CA GLU A 175 11.74 -0.28 16.18
C GLU A 175 10.51 -1.17 16.25
N VAL A 176 10.13 -1.77 15.13
CA VAL A 176 8.95 -2.64 15.13
C VAL A 176 9.14 -3.93 14.34
N GLU A 177 8.45 -4.96 14.81
CA GLU A 177 8.41 -6.25 14.14
C GLU A 177 7.39 -6.22 12.99
N VAL A 178 7.84 -6.59 11.80
CA VAL A 178 6.98 -6.65 10.63
C VAL A 178 7.28 -7.90 9.80
N ASN A 179 6.38 -8.22 8.86
CA ASN A 179 6.69 -9.25 7.88
C ASN A 179 7.74 -8.77 6.89
N LYS A 180 8.61 -9.69 6.49
CA LYS A 180 9.56 -9.43 5.43
C LYS A 180 8.84 -9.12 4.12
N PHE A 181 9.51 -8.40 3.23
CA PHE A 181 9.04 -8.24 1.85
C PHE A 181 9.61 -9.38 1.02
N PRO A 182 8.82 -9.87 0.04
CA PRO A 182 9.39 -10.91 -0.82
C PRO A 182 10.44 -10.35 -1.77
N VAL A 183 11.54 -11.10 -1.93
CA VAL A 183 12.52 -10.82 -2.97
C VAL A 183 12.09 -11.57 -4.23
N VAL A 184 11.90 -10.84 -5.32
CA VAL A 184 11.32 -11.38 -6.54
C VAL A 184 12.30 -11.37 -7.72
N ALA A 185 12.65 -12.56 -8.20
CA ALA A 185 13.55 -12.69 -9.34
C ALA A 185 12.76 -12.84 -10.64
N VAL A 186 13.20 -12.12 -11.67
CA VAL A 186 12.55 -12.14 -12.97
C VAL A 186 13.54 -12.54 -14.07
N MET A 187 13.14 -13.51 -14.90
CA MET A 187 13.91 -13.88 -16.09
C MET A 187 13.01 -13.93 -17.31
N SER A 188 13.60 -13.70 -18.47
CA SER A 188 12.93 -13.90 -19.75
C SER A 188 13.54 -15.10 -20.45
N THR A 189 12.77 -15.72 -21.33
CA THR A 189 13.26 -16.88 -22.06
C THR A 189 13.00 -16.73 -23.54
N GLY A 190 13.95 -17.22 -24.34
CA GLY A 190 13.81 -17.25 -25.77
C GLY A 190 15.11 -17.01 -26.51
N ASN A 191 15.43 -17.90 -27.45
CA ASN A 191 16.60 -17.71 -28.30
C ASN A 191 16.48 -16.48 -29.18
N GLU A 192 15.27 -15.92 -29.28
CA GLU A 192 15.03 -14.81 -30.19
C GLU A 192 15.23 -13.45 -29.51
N LEU A 193 15.44 -13.47 -28.20
CA LEU A 193 15.43 -12.24 -27.41
C LEU A 193 16.79 -11.59 -27.30
N LEU A 194 16.80 -10.26 -27.50
CA LEU A 194 17.97 -9.43 -27.30
C LEU A 194 17.71 -8.46 -26.15
N ASN A 195 18.78 -7.96 -25.55
CA ASN A 195 18.62 -6.96 -24.49
CA ASN A 195 18.62 -6.96 -24.50
C ASN A 195 18.07 -5.67 -25.08
N PRO A 196 17.37 -4.88 -24.25
CA PRO A 196 16.87 -3.58 -24.72
C PRO A 196 17.97 -2.72 -25.30
N GLU A 197 19.18 -2.88 -24.78
CA GLU A 197 20.33 -2.08 -25.20
C GLU A 197 20.88 -2.49 -26.57
N ASP A 198 20.46 -3.66 -27.07
CA ASP A 198 21.03 -4.22 -28.29
C ASP A 198 20.40 -3.66 -29.55
N ASP A 199 21.22 -3.50 -30.59
CA ASP A 199 20.71 -3.34 -31.95
C ASP A 199 20.14 -4.67 -32.39
N LEU A 200 19.12 -4.64 -33.24
CA LEU A 200 18.51 -5.88 -33.71
C LEU A 200 19.46 -6.68 -34.60
N LEU A 201 19.33 -7.99 -34.52
CA LEU A 201 19.98 -8.91 -35.43
C LEU A 201 18.88 -9.70 -36.14
N PRO A 202 19.21 -10.37 -37.25
CA PRO A 202 18.19 -11.12 -38.01
C PRO A 202 17.46 -12.15 -37.16
N GLY A 203 16.12 -12.13 -37.21
CA GLY A 203 15.32 -13.10 -36.52
C GLY A 203 15.11 -12.79 -35.04
N LYS A 204 15.59 -11.64 -34.58
CA LYS A 204 15.58 -11.33 -33.16
C LYS A 204 14.68 -10.14 -32.84
N ILE A 205 14.27 -10.06 -31.57
CA ILE A 205 13.55 -8.92 -31.05
C ILE A 205 14.07 -8.58 -29.66
N ARG A 206 13.72 -7.41 -29.15
CA ARG A 206 14.14 -7.02 -27.82
C ARG A 206 13.23 -7.60 -26.75
N ASP A 207 13.88 -8.05 -25.67
CA ASP A 207 13.23 -8.48 -24.45
C ASP A 207 12.50 -7.30 -23.79
N SER A 208 11.16 -7.33 -23.77
CA SER A 208 10.38 -6.29 -23.12
C SER A 208 9.78 -6.75 -21.79
N ASN A 209 9.43 -8.03 -21.70
CA ASN A 209 8.76 -8.57 -20.52
C ASN A 209 9.52 -8.36 -19.22
N ARG A 210 10.83 -8.54 -19.26
CA ARG A 210 11.64 -8.43 -18.05
C ARG A 210 11.48 -7.03 -17.43
N SER A 211 11.62 -6.01 -18.26
CA SER A 211 11.46 -4.61 -17.84
C SER A 211 10.06 -4.35 -17.29
N THR A 212 9.04 -4.79 -18.02
CA THR A 212 7.65 -4.55 -17.63
C THR A 212 7.34 -5.24 -16.31
N LEU A 213 7.78 -6.48 -16.17
CA LEU A 213 7.47 -7.27 -14.99
C LEU A 213 8.21 -6.69 -13.80
N LEU A 214 9.51 -6.45 -13.96
CA LEU A 214 10.31 -5.83 -12.91
C LEU A 214 9.71 -4.50 -12.47
N ALA A 215 9.33 -3.65 -13.43
CA ALA A 215 8.73 -2.37 -13.08
C ALA A 215 7.41 -2.58 -12.33
N THR A 216 6.59 -3.51 -12.80
CA THR A 216 5.33 -3.80 -12.11
C THR A 216 5.59 -4.19 -10.65
N ILE A 217 6.52 -5.11 -10.42
CA ILE A 217 6.84 -5.53 -9.06
C ILE A 217 7.42 -4.38 -8.22
N GLN A 218 8.34 -3.61 -8.79
CA GLN A 218 8.96 -2.50 -8.08
C GLN A 218 7.92 -1.43 -7.71
N GLU A 219 6.94 -1.23 -8.58
CA GLU A 219 5.88 -0.26 -8.31
C GLU A 219 5.15 -0.55 -6.99
N HIS A 220 5.12 -1.82 -6.59
CA HIS A 220 4.43 -2.23 -5.35
C HIS A 220 5.37 -2.28 -4.15
N GLY A 221 6.65 -1.99 -4.37
CA GLY A 221 7.58 -1.74 -3.29
C GLY A 221 8.54 -2.88 -2.97
N TYR A 222 8.46 -3.96 -3.73
CA TYR A 222 9.21 -5.17 -3.41
C TYR A 222 10.58 -5.16 -4.07
N PRO A 223 11.60 -5.66 -3.36
CA PRO A 223 12.92 -5.75 -3.98
C PRO A 223 12.96 -6.81 -5.07
N THR A 224 13.76 -6.58 -6.11
CA THR A 224 13.79 -7.47 -7.27
C THR A 224 15.21 -7.89 -7.64
N ILE A 225 15.28 -8.98 -8.40
CA ILE A 225 16.53 -9.50 -8.92
C ILE A 225 16.37 -9.78 -10.41
N ASN A 226 17.31 -9.28 -11.20
CA ASN A 226 17.26 -9.43 -12.65
C ASN A 226 18.08 -10.66 -13.08
N LEU A 227 17.38 -11.69 -13.53
CA LEU A 227 18.04 -12.94 -13.93
C LEU A 227 18.38 -12.98 -15.42
N GLY A 228 18.12 -11.88 -16.12
CA GLY A 228 18.51 -11.77 -17.51
C GLY A 228 17.70 -12.64 -18.47
N ILE A 229 18.32 -12.93 -19.61
CA ILE A 229 17.70 -13.71 -20.67
C ILE A 229 18.29 -15.11 -20.69
N VAL A 230 17.42 -16.12 -20.74
CA VAL A 230 17.84 -17.51 -20.78
C VAL A 230 17.38 -18.15 -22.09
N GLY A 231 18.25 -18.94 -22.71
CA GLY A 231 17.91 -19.58 -23.96
C GLY A 231 16.91 -20.70 -23.81
N ASP A 232 16.30 -21.11 -24.92
CA ASP A 232 15.37 -22.23 -24.91
C ASP A 232 16.11 -23.56 -24.85
N ASN A 233 16.63 -23.92 -23.67
CA ASN A 233 17.12 -25.27 -23.45
C ASN A 233 17.10 -25.64 -21.96
N PRO A 234 16.77 -26.91 -21.65
CA PRO A 234 16.56 -27.37 -20.27
C PRO A 234 17.69 -27.04 -19.28
N ASP A 235 18.93 -27.27 -19.67
CA ASP A 235 20.06 -27.05 -18.78
C ASP A 235 20.14 -25.61 -18.27
N ASP A 236 20.15 -24.66 -19.20
CA ASP A 236 20.25 -23.25 -18.86
C ASP A 236 19.06 -22.80 -18.01
N LEU A 237 17.87 -23.25 -18.40
CA LEU A 237 16.67 -22.91 -17.66
C LEU A 237 16.77 -23.45 -16.24
N LEU A 238 17.23 -24.69 -16.10
CA LEU A 238 17.38 -25.29 -14.77
C LEU A 238 18.37 -24.49 -13.94
N ASN A 239 19.51 -24.16 -14.52
CA ASN A 239 20.51 -23.37 -13.83
C ASN A 239 19.97 -22.02 -13.37
N ALA A 240 19.29 -21.32 -14.28
CA ALA A 240 18.70 -20.03 -13.96
C ALA A 240 17.67 -20.15 -12.84
N LEU A 241 16.81 -21.16 -12.94
CA LEU A 241 15.82 -21.41 -11.91
C LEU A 241 16.50 -21.67 -10.57
N ASN A 242 17.52 -22.53 -10.54
CA ASN A 242 18.24 -22.77 -9.30
C ASN A 242 18.86 -21.49 -8.72
N GLU A 243 19.41 -20.65 -9.60
CA GLU A 243 19.91 -19.34 -9.17
C GLU A 243 18.81 -18.49 -8.52
N GLY A 244 17.67 -18.39 -9.20
CA GLY A 244 16.53 -17.68 -8.64
C GLY A 244 16.11 -18.23 -7.29
N ILE A 245 16.02 -19.55 -7.21
CA ILE A 245 15.67 -20.23 -5.97
C ILE A 245 16.64 -19.83 -4.86
N SER A 246 17.93 -19.84 -5.18
CA SER A 246 18.93 -19.43 -4.20
C SER A 246 18.78 -17.96 -3.78
N ARG A 247 18.60 -17.08 -4.75
CA ARG A 247 18.64 -15.65 -4.46
C ARG A 247 17.31 -14.99 -4.07
N ALA A 248 16.19 -15.69 -4.21
CA ALA A 248 14.88 -15.04 -4.08
C ALA A 248 13.81 -15.92 -3.45
N ASP A 249 12.70 -15.29 -3.06
CA ASP A 249 11.55 -15.96 -2.50
C ASP A 249 10.55 -16.32 -3.59
N VAL A 250 10.63 -15.56 -4.68
CA VAL A 250 9.71 -15.72 -5.80
C VAL A 250 10.50 -15.67 -7.11
N ILE A 251 10.13 -16.54 -8.04
CA ILE A 251 10.70 -16.52 -9.37
C ILE A 251 9.58 -16.32 -10.38
N ILE A 252 9.73 -15.29 -11.21
CA ILE A 252 8.83 -15.07 -12.33
C ILE A 252 9.61 -15.30 -13.63
N THR A 253 9.09 -16.20 -14.45
CA THR A 253 9.60 -16.38 -15.81
C THR A 253 8.52 -15.94 -16.78
N SER A 254 8.90 -15.66 -18.02
CA SER A 254 7.91 -15.49 -19.09
C SER A 254 8.39 -16.26 -20.31
N GLY A 255 7.44 -16.73 -21.10
CA GLY A 255 7.73 -17.51 -22.29
C GLY A 255 7.82 -19.00 -22.05
N GLY A 256 7.70 -19.76 -23.13
CA GLY A 256 7.93 -21.19 -23.12
C GLY A 256 6.97 -22.06 -22.33
N VAL A 257 5.73 -21.62 -22.12
CA VAL A 257 4.76 -22.40 -21.34
C VAL A 257 3.59 -22.93 -22.18
N SER A 258 3.55 -22.62 -23.48
CA SER A 258 2.57 -23.24 -24.36
C SER A 258 3.09 -24.61 -24.82
N MET A 259 2.56 -25.13 -25.92
CA MET A 259 2.86 -26.50 -26.34
C MET A 259 3.74 -26.55 -27.60
N GLY A 260 4.44 -25.46 -27.87
CA GLY A 260 5.37 -25.40 -28.99
C GLY A 260 6.57 -26.32 -28.77
N GLU A 261 7.27 -26.63 -29.85
CA GLU A 261 8.37 -27.60 -29.80
C GLU A 261 9.45 -27.21 -28.80
N LYS A 262 9.68 -25.91 -28.68
CA LYS A 262 10.74 -25.40 -27.83
C LYS A 262 10.22 -24.70 -26.58
N ASP A 263 8.99 -25.00 -26.20
CA ASP A 263 8.44 -24.55 -24.92
C ASP A 263 8.78 -25.58 -23.84
N TYR A 264 9.81 -25.30 -23.06
CA TYR A 264 10.37 -26.28 -22.13
C TYR A 264 10.04 -26.04 -20.64
N LEU A 265 9.43 -24.91 -20.31
CA LEU A 265 9.32 -24.54 -18.89
C LEU A 265 8.63 -25.60 -18.02
N LYS A 266 7.46 -26.08 -18.45
CA LYS A 266 6.72 -27.05 -17.66
C LYS A 266 7.54 -28.33 -17.42
N GLN A 267 8.15 -28.82 -18.50
CA GLN A 267 9.06 -29.96 -18.45
C GLN A 267 10.15 -29.76 -17.40
N VAL A 268 10.85 -28.64 -17.50
CA VAL A 268 11.96 -28.34 -16.60
C VAL A 268 11.49 -28.23 -15.16
N LEU A 269 10.37 -27.53 -14.96
CA LEU A 269 9.78 -27.36 -13.63
C LEU A 269 9.43 -28.70 -13.00
N ASP A 270 8.78 -29.55 -13.77
CA ASP A 270 8.36 -30.85 -13.25
C ASP A 270 9.54 -31.82 -13.15
N ILE A 271 10.11 -32.18 -14.29
CA ILE A 271 11.10 -33.25 -14.38
C ILE A 271 12.46 -32.93 -13.74
N ASP A 272 12.95 -31.71 -13.98
CA ASP A 272 14.31 -31.36 -13.59
C ASP A 272 14.40 -30.62 -12.26
N LEU A 273 13.48 -29.69 -12.02
CA LEU A 273 13.51 -28.91 -10.78
C LEU A 273 12.74 -29.63 -9.67
N HIS A 274 11.84 -30.52 -10.05
CA HIS A 274 11.02 -31.29 -9.11
C HIS A 274 10.04 -30.42 -8.34
N ALA A 275 9.61 -29.33 -8.96
CA ALA A 275 8.59 -28.48 -8.37
C ALA A 275 7.21 -29.10 -8.59
N GLN A 276 6.25 -28.66 -7.79
CA GLN A 276 4.86 -29.11 -7.91
C GLN A 276 4.06 -28.07 -8.68
N ILE A 277 3.67 -28.42 -9.90
CA ILE A 277 2.86 -27.55 -10.73
C ILE A 277 1.40 -27.71 -10.35
N HIS A 278 0.78 -26.63 -9.87
CA HIS A 278 -0.59 -26.69 -9.39
C HIS A 278 -1.58 -26.42 -10.51
N PHE A 279 -1.20 -25.55 -11.45
CA PHE A 279 -1.92 -25.47 -12.71
C PHE A 279 -0.97 -25.01 -13.81
N GLY A 280 -1.24 -25.49 -15.02
CA GLY A 280 -0.44 -25.21 -16.19
C GLY A 280 -1.23 -24.57 -17.32
N ARG A 281 -2.55 -24.51 -17.16
CA ARG A 281 -3.40 -23.74 -18.07
C ARG A 281 -4.56 -23.11 -17.31
N VAL A 282 -4.90 -21.89 -17.69
CA VAL A 282 -6.04 -21.18 -17.11
C VAL A 282 -7.03 -20.78 -18.20
N PHE A 283 -8.31 -21.04 -17.96
CA PHE A 283 -9.36 -20.67 -18.89
C PHE A 283 -9.59 -19.16 -18.85
N MET A 284 -8.70 -18.41 -19.51
CA MET A 284 -8.72 -16.96 -19.45
C MET A 284 -8.15 -16.38 -20.75
N LYS A 285 -8.57 -15.16 -21.05
CA LYS A 285 -8.11 -14.46 -22.25
C LYS A 285 -7.64 -13.05 -21.90
N PRO A 286 -6.33 -12.76 -22.09
CA PRO A 286 -5.23 -13.66 -22.46
C PRO A 286 -4.71 -14.42 -21.25
N GLY A 287 -3.77 -15.33 -21.45
CA GLY A 287 -3.08 -15.99 -20.34
C GLY A 287 -3.30 -17.48 -20.26
N LEU A 288 -3.75 -18.08 -21.36
CA LEU A 288 -4.10 -19.49 -21.40
C LEU A 288 -3.05 -20.42 -20.76
N PRO A 289 -1.75 -20.24 -21.08
CA PRO A 289 -0.76 -21.21 -20.58
C PRO A 289 -0.11 -20.84 -19.25
N THR A 290 -0.69 -19.90 -18.51
CA THR A 290 -0.12 -19.43 -17.25
C THR A 290 0.11 -20.61 -16.30
N THR A 291 1.32 -20.68 -15.74
CA THR A 291 1.71 -21.82 -14.94
C THR A 291 2.16 -21.41 -13.54
N PHE A 292 1.67 -22.14 -12.54
CA PHE A 292 1.98 -21.82 -11.15
C PHE A 292 2.54 -23.04 -10.41
N ALA A 293 3.72 -22.88 -9.83
CA ALA A 293 4.40 -23.99 -9.17
C ALA A 293 4.92 -23.58 -7.79
N THR A 294 5.06 -24.58 -6.91
CA THR A 294 5.73 -24.39 -5.64
C THR A 294 6.86 -25.39 -5.50
N LEU A 295 7.88 -25.02 -4.72
CA LEU A 295 9.01 -25.87 -4.45
C LEU A 295 9.41 -25.76 -3.00
N ASP A 296 9.31 -26.87 -2.28
CA ASP A 296 9.60 -26.90 -0.86
C ASP A 296 11.02 -27.42 -0.60
N ILE A 297 11.89 -26.52 -0.14
CA ILE A 297 13.25 -26.88 0.22
C ILE A 297 13.57 -26.44 1.65
N ASP A 298 14.05 -27.38 2.46
CA ASP A 298 14.54 -27.07 3.80
C ASP A 298 13.50 -26.36 4.64
N GLY A 299 12.24 -26.75 4.48
CA GLY A 299 11.15 -26.14 5.23
C GLY A 299 10.79 -24.76 4.73
N VAL A 300 11.25 -24.43 3.53
CA VAL A 300 10.94 -23.15 2.90
C VAL A 300 10.22 -23.39 1.58
N ARG A 301 9.08 -22.75 1.41
CA ARG A 301 8.34 -22.82 0.16
C ARG A 301 8.71 -21.68 -0.77
N LYS A 302 9.35 -22.04 -1.88
CA LYS A 302 9.57 -21.13 -2.98
C LYS A 302 8.36 -21.18 -3.89
N ILE A 303 8.00 -20.04 -4.47
CA ILE A 303 6.87 -19.95 -5.38
CA ILE A 303 6.87 -19.99 -5.38
C ILE A 303 7.34 -19.51 -6.76
N ILE A 304 6.80 -20.14 -7.80
CA ILE A 304 7.22 -19.87 -9.16
C ILE A 304 6.03 -19.58 -10.05
N PHE A 305 6.05 -18.41 -10.69
CA PHE A 305 5.09 -18.07 -11.72
C PHE A 305 5.78 -18.14 -13.07
N ALA A 306 5.32 -19.06 -13.92
CA ALA A 306 5.80 -19.13 -15.29
C ALA A 306 4.70 -18.59 -16.19
N LEU A 307 4.89 -17.33 -16.59
CA LEU A 307 3.87 -16.59 -17.31
C LEU A 307 4.04 -16.77 -18.82
N PRO A 308 2.98 -16.50 -19.58
CA PRO A 308 3.08 -16.63 -21.03
C PRO A 308 4.09 -15.63 -21.59
N GLY A 309 4.64 -15.95 -22.76
CA GLY A 309 5.64 -15.11 -23.39
C GLY A 309 5.07 -13.85 -24.01
N ASN A 310 3.85 -13.93 -24.52
CA ASN A 310 3.23 -12.74 -25.10
C ASN A 310 3.20 -11.60 -24.10
N PRO A 311 3.76 -10.43 -24.46
CA PRO A 311 3.91 -9.31 -23.51
C PRO A 311 2.63 -8.90 -22.78
N VAL A 312 1.54 -8.75 -23.55
CA VAL A 312 0.26 -8.39 -22.98
C VAL A 312 -0.17 -9.46 -21.96
N SER A 313 -0.12 -10.73 -22.38
CA SER A 313 -0.44 -11.84 -21.48
C SER A 313 0.40 -11.77 -20.21
N ALA A 314 1.69 -11.53 -20.37
CA ALA A 314 2.60 -11.50 -19.24
C ALA A 314 2.21 -10.41 -18.24
N VAL A 315 2.00 -9.19 -18.72
CA VAL A 315 1.67 -8.10 -17.79
C VAL A 315 0.28 -8.33 -17.14
N VAL A 316 -0.70 -8.77 -17.93
CA VAL A 316 -2.02 -9.03 -17.39
C VAL A 316 -1.99 -10.11 -16.30
N THR A 317 -1.37 -11.25 -16.61
CA THR A 317 -1.31 -12.34 -15.65
C THR A 317 -0.43 -11.96 -14.44
N CYS A 318 0.62 -11.17 -14.66
CA CYS A 318 1.39 -10.67 -13.53
C CYS A 318 0.45 -9.94 -12.57
N ASN A 319 -0.34 -9.01 -13.13
CA ASN A 319 -1.29 -8.29 -12.29
C ASN A 319 -2.38 -9.13 -11.65
N LEU A 320 -2.88 -10.14 -12.37
CA LEU A 320 -3.92 -10.99 -11.80
C LEU A 320 -3.43 -11.99 -10.75
N PHE A 321 -2.26 -12.59 -10.95
CA PHE A 321 -1.81 -13.65 -10.06
C PHE A 321 -0.61 -13.28 -9.19
N VAL A 322 0.33 -12.50 -9.69
CA VAL A 322 1.60 -12.35 -8.99
C VAL A 322 1.45 -11.38 -7.83
N VAL A 323 0.85 -10.23 -8.10
CA VAL A 323 0.79 -9.16 -7.11
C VAL A 323 0.02 -9.58 -5.84
N PRO A 324 -1.16 -10.20 -5.99
CA PRO A 324 -1.88 -10.72 -4.81
C PRO A 324 -1.03 -11.69 -3.97
N ALA A 325 -0.32 -12.59 -4.64
CA ALA A 325 0.57 -13.52 -3.95
C ALA A 325 1.63 -12.75 -3.14
N LEU A 326 2.25 -11.76 -3.78
CA LEU A 326 3.28 -10.96 -3.12
C LEU A 326 2.67 -10.21 -1.94
N ARG A 327 1.43 -9.76 -2.11
CA ARG A 327 0.71 -9.10 -1.04
C ARG A 327 0.48 -10.06 0.13
N LYS A 328 0.12 -11.31 -0.16
CA LYS A 328 0.00 -12.27 0.94
C LYS A 328 1.36 -12.53 1.60
N MET A 329 2.40 -12.68 0.79
CA MET A 329 3.72 -12.98 1.33
C MET A 329 4.21 -11.89 2.30
N GLN A 330 3.94 -10.64 1.98
CA GLN A 330 4.38 -9.53 2.83
C GLN A 330 3.43 -9.29 4.01
N GLY A 331 2.50 -10.21 4.22
CA GLY A 331 1.72 -10.25 5.45
C GLY A 331 0.38 -9.54 5.42
N ILE A 332 -0.01 -9.03 4.26
CA ILE A 332 -1.32 -8.39 4.15
C ILE A 332 -2.41 -9.46 4.32
N LEU A 333 -3.32 -9.23 5.26
CA LEU A 333 -4.25 -10.27 5.68
C LEU A 333 -5.29 -10.63 4.62
N ASP A 334 -5.82 -9.63 3.93
CA ASP A 334 -6.66 -9.85 2.77
C ASP A 334 -5.94 -9.34 1.54
N PRO A 335 -5.24 -10.23 0.81
CA PRO A 335 -4.37 -9.81 -0.28
C PRO A 335 -5.09 -9.52 -1.59
N ARG A 336 -6.42 -9.67 -1.62
CA ARG A 336 -7.17 -9.43 -2.84
C ARG A 336 -7.02 -8.00 -3.32
N PRO A 337 -6.90 -7.79 -4.64
CA PRO A 337 -6.86 -6.43 -5.15
C PRO A 337 -8.22 -5.75 -5.03
N THR A 338 -8.23 -4.43 -5.08
CA THR A 338 -9.47 -3.67 -5.03
C THR A 338 -10.15 -3.73 -6.39
N ILE A 339 -11.43 -4.11 -6.37
CA ILE A 339 -12.24 -4.13 -7.58
C ILE A 339 -13.34 -3.10 -7.47
N ILE A 340 -13.50 -2.30 -8.53
CA ILE A 340 -14.49 -1.23 -8.54
C ILE A 340 -15.44 -1.38 -9.72
N LYS A 341 -16.58 -0.71 -9.64
CA LYS A 341 -17.54 -0.69 -10.73
C LYS A 341 -17.28 0.52 -11.63
N ALA A 342 -17.30 0.28 -12.94
CA ALA A 342 -17.11 1.37 -13.90
C ALA A 342 -17.95 1.17 -15.15
N ARG A 343 -18.23 2.26 -15.85
CA ARG A 343 -18.98 2.22 -17.10
CA ARG A 343 -18.97 2.22 -17.09
C ARG A 343 -18.04 2.08 -18.30
N LEU A 344 -18.35 1.13 -19.17
CA LEU A 344 -17.59 0.92 -20.40
C LEU A 344 -17.68 2.13 -21.32
N SER A 345 -16.56 2.52 -21.90
CA SER A 345 -16.54 3.63 -22.84
C SER A 345 -16.94 3.17 -24.23
N CYS A 346 -16.75 1.88 -24.50
CA CYS A 346 -17.02 1.32 -25.82
C CYS A 346 -17.70 -0.04 -25.74
N ASP A 347 -18.42 -0.41 -26.80
CA ASP A 347 -18.95 -1.76 -26.94
C ASP A 347 -17.81 -2.76 -26.94
N VAL A 348 -18.10 -3.99 -26.51
CA VAL A 348 -17.09 -5.04 -26.51
C VAL A 348 -17.73 -6.42 -26.66
N LYS A 349 -17.17 -7.21 -27.57
CA LYS A 349 -17.61 -8.58 -27.79
C LYS A 349 -17.06 -9.46 -26.68
N LEU A 350 -17.89 -10.34 -26.14
CA LEU A 350 -17.46 -11.27 -25.11
C LEU A 350 -16.93 -12.56 -25.71
N ASP A 351 -15.99 -13.16 -25.01
CA ASP A 351 -15.34 -14.40 -25.42
C ASP A 351 -15.88 -15.55 -24.56
N PRO A 352 -15.77 -16.79 -25.04
CA PRO A 352 -16.18 -17.89 -24.15
C PRO A 352 -15.33 -17.95 -22.89
N ARG A 353 -14.15 -17.36 -22.92
CA ARG A 353 -13.32 -17.21 -21.74
C ARG A 353 -13.57 -15.86 -21.08
N PRO A 354 -13.41 -15.76 -19.74
CA PRO A 354 -13.41 -14.43 -19.14
C PRO A 354 -12.28 -13.59 -19.71
N GLU A 355 -12.55 -12.33 -20.05
CA GLU A 355 -11.57 -11.49 -20.73
C GLU A 355 -10.99 -10.45 -19.78
N TYR A 356 -9.72 -10.11 -20.00
CA TYR A 356 -9.08 -9.10 -19.17
C TYR A 356 -8.34 -8.11 -20.03
N HIS A 357 -8.53 -6.82 -19.76
CA HIS A 357 -7.83 -5.80 -20.55
C HIS A 357 -7.46 -4.56 -19.74
N ARG A 358 -6.23 -4.11 -19.92
CA ARG A 358 -5.76 -2.88 -19.29
C ARG A 358 -6.63 -1.71 -19.72
N CYS A 359 -6.91 -0.82 -18.79
CA CYS A 359 -7.72 0.34 -19.08
C CYS A 359 -7.33 1.53 -18.21
N ILE A 360 -7.96 2.66 -18.54
CA ILE A 360 -7.82 3.89 -17.77
C ILE A 360 -9.17 4.27 -17.18
N LEU A 361 -9.18 4.45 -15.86
CA LEU A 361 -10.38 4.87 -15.14
C LEU A 361 -10.41 6.38 -15.04
N THR A 362 -11.55 6.97 -15.39
CA THR A 362 -11.72 8.42 -15.30
C THR A 362 -13.05 8.78 -14.65
N TRP A 363 -13.01 9.74 -13.72
CA TRP A 363 -14.22 10.27 -13.11
C TRP A 363 -14.62 11.59 -13.78
N HIS A 364 -15.84 11.65 -14.28
CA HIS A 364 -16.34 12.87 -14.91
C HIS A 364 -17.01 13.74 -13.85
N HIS A 365 -17.13 15.04 -14.16
CA HIS A 365 -17.31 16.09 -13.16
C HIS A 365 -18.20 15.71 -11.97
N GLN A 366 -19.45 15.32 -12.24
CA GLN A 366 -20.40 15.02 -11.18
C GLN A 366 -20.99 13.61 -11.27
N GLU A 367 -20.63 12.88 -12.32
CA GLU A 367 -21.16 11.52 -12.50
C GLU A 367 -20.56 10.57 -11.46
N PRO A 368 -21.42 9.80 -10.76
CA PRO A 368 -20.97 8.95 -9.65
C PRO A 368 -19.99 7.85 -10.04
N LEU A 369 -20.20 7.20 -11.18
CA LEU A 369 -19.35 6.09 -11.59
C LEU A 369 -18.26 6.52 -12.57
N PRO A 370 -17.05 5.95 -12.41
CA PRO A 370 -16.00 6.23 -13.39
C PRO A 370 -16.26 5.56 -14.73
N TRP A 371 -15.66 6.09 -15.78
CA TRP A 371 -15.64 5.43 -17.08
C TRP A 371 -14.32 4.70 -17.25
N ALA A 372 -14.40 3.50 -17.82
CA ALA A 372 -13.22 2.68 -18.08
C ALA A 372 -12.94 2.67 -19.57
N GLN A 373 -11.80 3.22 -19.96
CA GLN A 373 -11.40 3.24 -21.35
C GLN A 373 -10.26 2.27 -21.59
N SER A 374 -10.51 1.28 -22.45
CA SER A 374 -9.49 0.32 -22.82
C SER A 374 -8.34 1.01 -23.55
N THR A 375 -7.12 0.62 -23.21
CA THR A 375 -5.93 1.19 -23.83
C THR A 375 -5.70 0.60 -25.22
N GLY A 376 -4.79 1.20 -25.97
CA GLY A 376 -4.40 0.67 -27.28
C GLY A 376 -5.15 1.29 -28.45
N ASN A 377 -6.47 1.38 -28.33
CA ASN A 377 -7.31 1.90 -29.40
C ASN A 377 -7.69 3.36 -29.17
N SER A 381 -7.85 9.31 -27.35
CA SER A 381 -7.57 10.72 -27.66
C SER A 381 -6.13 11.07 -27.34
N ARG A 382 -5.78 12.34 -27.54
CA ARG A 382 -4.43 12.82 -27.30
C ARG A 382 -4.05 12.75 -25.82
N LEU A 383 -4.93 13.28 -24.98
CA LEU A 383 -4.65 13.43 -23.56
C LEU A 383 -4.70 12.09 -22.82
N MET A 384 -5.51 11.15 -23.33
CA MET A 384 -5.71 9.87 -22.65
C MET A 384 -4.48 8.97 -22.77
N SER A 385 -3.78 9.07 -23.89
N SER A 385 -3.77 9.08 -23.89
CA SER A 385 -2.60 8.25 -24.13
CA SER A 385 -2.60 8.25 -24.13
C SER A 385 -1.40 8.70 -23.30
C SER A 385 -1.41 8.69 -23.28
N MET A 386 -1.53 9.85 -22.66
CA MET A 386 -0.48 10.37 -21.79
C MET A 386 -0.66 9.90 -20.34
N ARG A 387 -1.65 9.05 -20.11
CA ARG A 387 -1.89 8.46 -18.80
C ARG A 387 -1.57 6.97 -18.80
N SER A 388 -0.97 6.50 -17.72
CA SER A 388 -0.65 5.10 -17.57
C SER A 388 -1.92 4.33 -17.22
N ALA A 389 -1.98 3.06 -17.63
CA ALA A 389 -3.10 2.20 -17.28
C ALA A 389 -3.20 2.07 -15.76
N ASN A 390 -4.39 2.29 -15.22
CA ASN A 390 -4.63 2.16 -13.79
C ASN A 390 -5.74 1.16 -13.49
N GLY A 391 -6.31 0.57 -14.53
CA GLY A 391 -7.32 -0.45 -14.35
C GLY A 391 -7.08 -1.71 -15.18
N LEU A 392 -7.72 -2.79 -14.74
CA LEU A 392 -7.81 -4.01 -15.52
C LEU A 392 -9.27 -4.41 -15.66
N LEU A 393 -9.82 -4.15 -16.84
CA LEU A 393 -11.16 -4.57 -17.22
CA LEU A 393 -11.16 -4.58 -17.22
C LEU A 393 -11.32 -6.08 -17.01
N MET A 394 -12.34 -6.46 -16.25
CA MET A 394 -12.68 -7.87 -16.02
C MET A 394 -14.01 -8.21 -16.66
N LEU A 395 -13.97 -8.78 -17.85
CA LEU A 395 -15.18 -9.06 -18.62
C LEU A 395 -15.60 -10.52 -18.50
N PRO A 396 -16.92 -10.75 -18.33
CA PRO A 396 -17.45 -12.11 -18.11
C PRO A 396 -17.48 -12.94 -19.38
N PRO A 397 -17.47 -14.28 -19.24
CA PRO A 397 -17.65 -15.16 -20.39
C PRO A 397 -18.93 -14.83 -21.15
N LYS A 398 -18.91 -15.00 -22.47
CA LYS A 398 -20.13 -14.86 -23.24
C LYS A 398 -21.10 -15.97 -22.83
N THR A 399 -22.39 -15.73 -23.06
CA THR A 399 -23.41 -16.75 -22.85
C THR A 399 -24.36 -16.71 -24.04
N GLU A 400 -25.18 -17.76 -24.19
CA GLU A 400 -26.18 -17.80 -25.26
C GLU A 400 -27.03 -16.53 -25.23
N GLN A 401 -27.28 -16.02 -24.04
CA GLN A 401 -28.03 -14.78 -23.86
C GLN A 401 -27.20 -13.56 -24.20
N TYR A 402 -26.18 -13.31 -23.37
CA TYR A 402 -25.34 -12.12 -23.51
C TYR A 402 -24.06 -12.40 -24.29
N VAL A 403 -23.93 -11.72 -25.41
CA VAL A 403 -22.87 -11.95 -26.38
C VAL A 403 -21.94 -10.75 -26.44
N GLU A 404 -22.49 -9.57 -26.14
CA GLU A 404 -21.74 -8.33 -26.22
C GLU A 404 -22.15 -7.37 -25.10
N LEU A 405 -21.19 -6.63 -24.59
CA LEU A 405 -21.45 -5.57 -23.62
C LEU A 405 -21.41 -4.22 -24.33
N HIS A 406 -22.29 -3.32 -23.91
CA HIS A 406 -22.49 -2.06 -24.60
C HIS A 406 -21.96 -0.88 -23.79
N LYS A 407 -21.63 0.18 -24.51
CA LYS A 407 -21.21 1.44 -23.90
C LYS A 407 -22.15 1.87 -22.77
N GLY A 408 -21.57 2.19 -21.62
CA GLY A 408 -22.33 2.68 -20.49
C GLY A 408 -22.68 1.61 -19.48
N GLU A 409 -22.53 0.35 -19.86
CA GLU A 409 -22.85 -0.75 -18.96
C GLU A 409 -21.77 -0.90 -17.89
N VAL A 410 -22.20 -1.27 -16.68
CA VAL A 410 -21.31 -1.35 -15.53
C VAL A 410 -20.54 -2.67 -15.54
N VAL A 411 -19.22 -2.57 -15.44
CA VAL A 411 -18.35 -3.73 -15.35
C VAL A 411 -17.39 -3.62 -14.18
N ASP A 412 -16.77 -4.74 -13.85
CA ASP A 412 -15.76 -4.82 -12.82
C ASP A 412 -14.39 -4.42 -13.37
N VAL A 413 -13.70 -3.55 -12.64
CA VAL A 413 -12.35 -3.15 -12.99
C VAL A 413 -11.43 -3.33 -11.79
N MET A 414 -10.32 -4.04 -12.00
CA MET A 414 -9.33 -4.21 -10.94
C MET A 414 -8.34 -3.06 -10.99
N VAL A 415 -8.15 -2.40 -9.85
CA VAL A 415 -7.20 -1.29 -9.75
C VAL A 415 -5.77 -1.83 -9.77
N ILE A 416 -4.95 -1.31 -10.68
CA ILE A 416 -3.58 -1.76 -10.81
C ILE A 416 -2.58 -0.60 -10.75
N GLY A 417 -3.10 0.62 -10.68
CA GLY A 417 -2.27 1.79 -10.50
C GLY A 417 -2.95 2.84 -9.65
N ARG A 418 -2.17 3.78 -9.15
CA ARG A 418 -2.76 4.95 -8.52
C ARG A 418 -3.66 5.63 -9.54
N LEU A 419 -4.84 6.03 -9.11
CA LEU A 419 -5.85 6.54 -10.02
C LEU A 419 -5.49 7.91 -10.57
PB ADP B . 4.42 -19.16 -24.61
O1B ADP B . 4.99 -20.44 -25.14
O2B ADP B . 3.00 -18.89 -25.03
O3B ADP B . 4.67 -18.93 -23.14
PA ADP B . 6.47 -18.09 -26.34
O1A ADP B . 6.12 -19.07 -27.44
O2A ADP B . 7.77 -18.27 -25.59
O3A ADP B . 5.24 -17.94 -25.32
O5' ADP B . 6.44 -16.61 -26.97
C5' ADP B . 5.20 -16.05 -27.40
C4' ADP B . 5.47 -14.76 -28.17
O4' ADP B . 5.91 -13.75 -27.25
C3' ADP B . 6.57 -14.92 -29.22
O3' ADP B . 6.22 -14.14 -30.36
C2' ADP B . 7.80 -14.39 -28.52
O2' ADP B . 8.81 -13.84 -29.38
C1' ADP B . 7.21 -13.31 -27.63
N9 ADP B . 8.02 -13.10 -26.42
C8 ADP B . 8.40 -14.05 -25.54
N7 ADP B . 9.13 -13.49 -24.54
C5 ADP B . 9.20 -12.17 -24.80
C6 ADP B . 9.82 -11.00 -24.17
N6 ADP B . 10.51 -11.14 -23.02
N1 ADP B . 9.68 -9.80 -24.74
C2 ADP B . 8.98 -9.63 -25.87
N3 ADP B . 8.39 -10.65 -26.52
C4 ADP B . 8.47 -11.92 -26.04
H5'1 ADP B . 4.56 -15.84 -26.54
H5'2 ADP B . 4.67 -16.76 -28.05
H4' ADP B . 4.54 -14.44 -28.67
H3' ADP B . 6.70 -15.98 -29.47
HO3' ADP B . 6.91 -14.23 -31.04
H2' ADP B . 8.23 -15.18 -27.89
HO2' ADP B . 9.12 -14.53 -29.98
H1' ADP B . 7.13 -12.38 -28.20
H8 ADP B . 8.16 -15.10 -25.62
HN61 ADP B . 10.93 -10.33 -22.60
HN62 ADP B . 10.62 -12.05 -22.60
H2 ADP B . 8.90 -8.64 -26.28
MN MN C . 9.75 -18.52 -26.47
MN MN D . 5.48 -21.04 -27.08
P PO4 E . -5.39 12.80 -13.55
O1 PO4 E . -4.71 13.00 -14.89
O2 PO4 E . -6.88 12.69 -13.76
O3 PO4 E . -5.10 13.99 -12.66
O4 PO4 E . -4.87 11.54 -12.91
P PO4 F . 16.22 -14.99 0.73
O1 PO4 F . 16.09 -16.31 0.00
O2 PO4 F . 17.67 -14.73 1.06
O3 PO4 F . 15.42 -15.05 2.01
O4 PO4 F . 15.70 -13.89 -0.15
C ACT G . -13.39 -24.87 -17.47
O ACT G . -12.50 -23.99 -17.39
OXT ACT G . -13.92 -25.21 -16.38
CH3 ACT G . -13.80 -25.48 -18.78
H1 ACT G . -14.59 -26.21 -18.61
H2 ACT G . -14.17 -24.71 -19.44
H3 ACT G . -12.95 -25.97 -19.23
C ACT H . -10.92 -12.76 -9.38
O ACT H . -10.67 -13.98 -9.50
OXT ACT H . -12.02 -12.38 -9.85
CH3 ACT H . -9.97 -11.81 -8.71
H1 ACT H . -10.39 -10.81 -8.72
H2 ACT H . -9.02 -11.81 -9.25
H3 ACT H . -9.80 -12.13 -7.68
C ACT I . 1.33 -23.03 3.28
O ACT I . 1.17 -24.22 2.93
OXT ACT I . 1.53 -22.20 2.36
CH3 ACT I . 1.30 -22.61 4.72
H1 ACT I . 1.11 -23.49 5.35
H2 ACT I . 0.49 -21.89 4.87
H3 ACT I . 2.25 -22.16 5.00
C1 MPD J . 2.31 -2.75 -23.89
C2 MPD J . 3.50 -3.61 -23.50
O2 MPD J . 4.06 -3.08 -22.27
CM MPD J . 3.11 -5.06 -23.21
C3 MPD J . 4.61 -3.54 -24.54
C4 MPD J . 4.17 -3.89 -25.97
O4 MPD J . 4.84 -3.06 -26.89
C5 MPD J . 4.44 -5.35 -26.33
H11 MPD J . 2.52 -2.27 -24.85
H12 MPD J . 2.15 -2.00 -23.12
H13 MPD J . 1.43 -3.38 -23.98
HO2 MPD J . 4.98 -2.82 -22.42
HM1 MPD J . 3.72 -5.73 -23.82
HM2 MPD J . 2.06 -5.20 -23.44
HM3 MPD J . 3.28 -5.27 -22.16
H31 MPD J . 5.03 -2.54 -24.55
H32 MPD J . 5.42 -4.22 -24.25
H4 MPD J . 3.09 -3.72 -26.04
HO4 MPD J . 5.75 -3.40 -27.04
H51 MPD J . 5.09 -5.38 -27.21
H52 MPD J . 3.50 -5.86 -26.55
H53 MPD J . 4.94 -5.84 -25.49
#